data_3GG7
#
_entry.id   3GG7
#
_cell.length_a   47.207
_cell.length_b   47.207
_cell.length_c   97.787
_cell.angle_alpha   90.000
_cell.angle_beta   90.000
_cell.angle_gamma   90.000
#
_symmetry.space_group_name_H-M   'P 41'
#
loop_
_entity.id
_entity.type
_entity.pdbx_description
1 polymer 'uncharacterized metalloprotein'
2 non-polymer 'MANGANESE (II) ION'
3 non-polymer 'SULFATE ION'
4 non-polymer (4S)-2-METHYL-2,4-PENTANEDIOL
5 non-polymer (4R)-2-METHYLPENTANE-2,4-DIOL
6 water water
#
_entity_poly.entity_id   1
_entity_poly.type   'polypeptide(L)'
_entity_poly.pdbx_seq_one_letter_code
;MSLIDFHVHLDLYPDPVAVARACEERQLTVLSVTTTPAAWRGTLALAAGRPHVWTALGFHPEVVSERAADLPWFDRYLPE
TRFVGEVGLDGSPSLRGTWTQQFAVFQHILRRCEDHGGRILSIHSRRAESEVLNCLEANPRSGTPILHWYSGSVTELRRA
ISLGCWFSVGPTMVRTQKGAALIRSMPRDRVLTETDGPFLELDGQAALPWDVKSVVEGLSKIWQIPASEVERIVKENVSR
LLGTVREGHHHHHH
;
_entity_poly.pdbx_strand_id   A
#
loop_
_chem_comp.id
_chem_comp.type
_chem_comp.name
_chem_comp.formula
MN non-polymer 'MANGANESE (II) ION' 'Mn 2'
MPD non-polymer (4S)-2-METHYL-2,4-PENTANEDIOL 'C6 H14 O2'
MRD non-polymer (4R)-2-METHYLPENTANE-2,4-DIOL 'C6 H14 O2'
SO4 non-polymer 'SULFATE ION' 'O4 S -2'
#
# COMPACT_ATOMS: atom_id res chain seq x y z
N SER A 2 1.02 5.29 19.14
CA SER A 2 2.18 4.95 18.25
C SER A 2 1.68 4.99 16.83
N LEU A 3 2.62 4.98 15.89
CA LEU A 3 2.30 5.29 14.51
C LEU A 3 2.40 4.05 13.62
N ILE A 4 1.72 4.17 12.49
CA ILE A 4 1.66 3.12 11.46
C ILE A 4 1.94 3.70 10.08
N ASP A 5 2.87 3.10 9.34
CA ASP A 5 3.14 3.48 7.95
C ASP A 5 2.82 2.24 7.11
N PHE A 6 1.62 2.19 6.54
CA PHE A 6 1.15 0.96 5.94
C PHE A 6 1.43 0.86 4.43
N HIS A 7 2.47 1.52 3.96
CA HIS A 7 3.00 1.29 2.63
C HIS A 7 4.29 2.07 2.49
N VAL A 8 5.41 1.34 2.60
CA VAL A 8 6.72 1.94 2.48
C VAL A 8 7.74 0.96 1.88
N HIS A 9 8.64 1.49 1.06
CA HIS A 9 9.63 0.67 0.38
C HIS A 9 10.93 0.68 1.17
N LEU A 10 10.97 -0.06 2.27
CA LEU A 10 12.21 -0.13 3.06
C LEU A 10 13.40 -0.55 2.22
N ASP A 11 13.16 -1.43 1.24
CA ASP A 11 14.25 -2.03 0.46
C ASP A 11 14.80 -1.08 -0.63
N LEU A 12 14.26 0.13 -0.74
CA LEU A 12 14.70 1.08 -1.74
C LEU A 12 15.50 2.23 -1.12
N TYR A 13 15.69 2.21 0.19
CA TYR A 13 16.54 3.20 0.87
C TYR A 13 18.02 2.84 0.68
N PRO A 14 18.92 3.84 0.75
CA PRO A 14 20.32 3.45 0.68
C PRO A 14 20.81 2.49 1.78
N ASP A 15 20.23 2.59 2.99
CA ASP A 15 20.58 1.72 4.11
C ASP A 15 19.27 1.17 4.72
N PRO A 16 18.70 0.13 4.09
CA PRO A 16 17.40 -0.38 4.60
C PRO A 16 17.41 -0.86 6.03
N VAL A 17 18.51 -1.48 6.46
CA VAL A 17 18.58 -1.94 7.85
C VAL A 17 18.51 -0.77 8.84
N ALA A 18 19.19 0.34 8.54
CA ALA A 18 19.12 1.51 9.43
C ALA A 18 17.69 2.02 9.58
N VAL A 19 16.93 2.02 8.47
CA VAL A 19 15.58 2.51 8.52
C VAL A 19 14.73 1.53 9.33
N ALA A 20 14.88 0.24 9.08
CA ALA A 20 14.15 -0.80 9.84
C ALA A 20 14.44 -0.72 11.33
N ARG A 21 15.70 -0.57 11.72
CA ARG A 21 16.08 -0.40 13.11
C ARG A 21 15.42 0.84 13.72
N ALA A 22 15.42 1.93 12.99
CA ALA A 22 14.82 3.18 13.45
C ALA A 22 13.32 3.03 13.69
N CYS A 23 12.66 2.23 12.85
CA CYS A 23 11.25 1.91 13.06
C CYS A 23 11.04 1.09 14.33
N GLU A 24 11.87 0.08 14.54
CA GLU A 24 11.78 -0.66 15.80
C GLU A 24 12.01 0.18 17.05
N GLU A 25 13.00 1.08 16.99
CA GLU A 25 13.25 1.96 18.13
C GLU A 25 12.02 2.79 18.48
N ARG A 26 11.27 3.19 17.45
CA ARG A 26 10.07 3.99 17.64
C ARG A 26 8.82 3.15 17.83
N GLN A 27 8.96 1.83 17.78
CA GLN A 27 7.83 0.91 17.74
CA GLN A 27 7.81 0.92 17.77
C GLN A 27 6.78 1.37 16.71
N LEU A 28 7.29 1.68 15.52
CA LEU A 28 6.51 2.17 14.39
C LEU A 28 6.28 0.97 13.45
N THR A 29 5.02 0.57 13.30
CA THR A 29 4.65 -0.52 12.43
C THR A 29 4.68 -0.11 10.98
N VAL A 30 5.37 -0.88 10.16
CA VAL A 30 5.48 -0.60 8.75
C VAL A 30 5.09 -1.79 7.88
N LEU A 31 4.38 -1.51 6.81
CA LEU A 31 4.16 -2.50 5.75
C LEU A 31 5.24 -2.27 4.73
N SER A 32 6.21 -3.17 4.76
CA SER A 32 7.40 -3.14 3.92
C SER A 32 7.06 -3.84 2.61
N VAL A 33 6.77 -3.06 1.57
CA VAL A 33 6.31 -3.60 0.30
C VAL A 33 7.45 -3.90 -0.64
N THR A 34 7.22 -4.82 -1.58
CA THR A 34 8.24 -5.20 -2.57
C THR A 34 7.77 -4.85 -3.98
N THR A 35 8.73 -4.78 -4.92
CA THR A 35 8.43 -4.38 -6.27
C THR A 35 8.51 -5.53 -7.27
N THR A 36 9.14 -6.63 -6.86
CA THR A 36 9.15 -7.87 -7.65
C THR A 36 9.15 -9.01 -6.62
N PRO A 37 8.47 -10.12 -6.95
CA PRO A 37 8.48 -11.22 -5.98
C PRO A 37 9.86 -11.80 -5.77
N ALA A 38 10.76 -11.62 -6.73
CA ALA A 38 12.14 -12.07 -6.57
C ALA A 38 12.86 -11.41 -5.40
N ALA A 39 12.36 -10.24 -4.98
CA ALA A 39 12.95 -9.49 -3.87
C ALA A 39 12.55 -10.03 -2.49
N TRP A 40 11.68 -11.04 -2.46
CA TRP A 40 11.09 -11.50 -1.20
C TRP A 40 12.14 -11.88 -0.15
N ARG A 41 13.09 -12.74 -0.48
CA ARG A 41 13.98 -13.26 0.55
C ARG A 41 14.82 -12.11 1.14
N GLY A 42 15.35 -11.26 0.26
CA GLY A 42 16.20 -10.18 0.70
C GLY A 42 15.45 -9.14 1.52
N THR A 43 14.25 -8.80 1.10
CA THR A 43 13.48 -7.81 1.81
C THR A 43 12.87 -8.37 3.09
N LEU A 44 12.39 -9.61 3.06
CA LEU A 44 11.93 -10.29 4.28
C LEU A 44 13.02 -10.31 5.37
N ALA A 45 14.28 -10.46 4.95
CA ALA A 45 15.39 -10.49 5.93
C ALA A 45 15.48 -9.24 6.79
N LEU A 46 15.00 -8.10 6.30
CA LEU A 46 14.98 -6.87 7.10
C LEU A 46 14.09 -7.01 8.34
N ALA A 47 13.13 -7.91 8.26
CA ALA A 47 12.22 -8.10 9.37
C ALA A 47 12.68 -9.10 10.43
N ALA A 48 13.77 -9.83 10.22
CA ALA A 48 14.22 -10.84 11.20
C ALA A 48 14.53 -10.16 12.53
N GLY A 49 13.83 -10.56 13.58
CA GLY A 49 13.95 -9.95 14.88
C GLY A 49 13.30 -8.60 15.06
N ARG A 50 12.49 -8.18 14.06
CA ARG A 50 11.88 -6.87 14.05
C ARG A 50 10.36 -7.01 13.86
N PRO A 51 9.62 -7.17 14.98
CA PRO A 51 8.18 -7.49 14.90
C PRO A 51 7.33 -6.36 14.37
N HIS A 52 7.85 -5.15 14.25
CA HIS A 52 7.12 -4.04 13.63
C HIS A 52 7.29 -3.96 12.15
N VAL A 53 8.10 -4.81 11.56
CA VAL A 53 8.33 -4.80 10.11
C VAL A 53 7.52 -5.95 9.50
N TRP A 54 6.46 -5.63 8.77
CA TRP A 54 5.55 -6.61 8.18
C TRP A 54 5.75 -6.56 6.68
N THR A 55 6.28 -7.64 6.11
CA THR A 55 6.72 -7.63 4.72
C THR A 55 5.62 -8.16 3.79
N ALA A 56 5.42 -7.44 2.68
CA ALA A 56 4.41 -7.75 1.66
C ALA A 56 5.11 -8.19 0.36
N LEU A 57 4.48 -9.13 -0.35
CA LEU A 57 4.97 -9.78 -1.55
C LEU A 57 4.28 -9.08 -2.73
N GLY A 58 5.07 -8.46 -3.61
CA GLY A 58 4.54 -7.58 -4.63
C GLY A 58 5.06 -7.82 -6.03
N PHE A 59 4.50 -7.05 -6.96
CA PHE A 59 5.00 -6.96 -8.33
C PHE A 59 4.46 -5.66 -8.89
N HIS A 60 5.30 -4.64 -8.89
CA HIS A 60 4.87 -3.26 -9.15
C HIS A 60 4.60 -3.10 -10.63
N PRO A 61 3.52 -2.42 -10.99
CA PRO A 61 3.18 -2.32 -12.42
C PRO A 61 4.29 -1.70 -13.28
N GLU A 62 5.11 -0.85 -12.69
CA GLU A 62 6.17 -0.20 -13.46
CA GLU A 62 6.20 -0.19 -13.43
C GLU A 62 7.29 -1.15 -13.86
N VAL A 63 7.37 -2.33 -13.26
CA VAL A 63 8.49 -3.25 -13.58
C VAL A 63 8.07 -4.58 -14.18
N VAL A 64 6.79 -4.72 -14.51
CA VAL A 64 6.29 -5.99 -15.03
C VAL A 64 6.90 -6.44 -16.34
N SER A 65 7.32 -5.52 -17.20
CA SER A 65 7.98 -5.88 -18.46
CA SER A 65 7.96 -5.92 -18.43
C SER A 65 9.42 -6.24 -18.19
N GLU A 66 10.13 -5.35 -17.53
CA GLU A 66 11.57 -5.57 -17.36
C GLU A 66 11.88 -6.75 -16.45
N ARG A 67 10.99 -7.03 -15.51
CA ARG A 67 11.16 -8.18 -14.59
C ARG A 67 10.16 -9.32 -14.85
N ALA A 68 9.64 -9.40 -16.07
CA ALA A 68 8.59 -10.38 -16.43
C ALA A 68 8.89 -11.80 -15.93
N ALA A 69 10.12 -12.23 -16.07
CA ALA A 69 10.52 -13.59 -15.72
C ALA A 69 10.48 -13.90 -14.25
N ASP A 70 10.33 -12.88 -13.42
CA ASP A 70 10.25 -13.12 -11.97
C ASP A 70 8.85 -13.63 -11.54
N LEU A 71 7.86 -13.59 -12.43
CA LEU A 71 6.48 -13.93 -12.04
C LEU A 71 6.31 -15.23 -11.25
N PRO A 72 6.97 -16.33 -11.65
CA PRO A 72 6.76 -17.58 -10.88
C PRO A 72 7.13 -17.55 -9.39
N TRP A 73 7.99 -16.61 -8.98
CA TRP A 73 8.34 -16.47 -7.58
C TRP A 73 7.16 -15.95 -6.75
N PHE A 74 6.18 -15.34 -7.40
CA PHE A 74 5.01 -14.85 -6.67
C PHE A 74 4.27 -16.03 -6.04
N ASP A 75 3.83 -16.99 -6.86
CA ASP A 75 3.14 -18.13 -6.28
C ASP A 75 4.02 -18.92 -5.31
N ARG A 76 5.33 -18.99 -5.58
CA ARG A 76 6.26 -19.71 -4.73
C ARG A 76 6.18 -19.20 -3.29
N TYR A 77 6.19 -17.88 -3.13
CA TYR A 77 6.32 -17.27 -1.82
C TYR A 77 5.02 -16.85 -1.16
N LEU A 78 3.91 -16.91 -1.87
CA LEU A 78 2.63 -16.49 -1.32
C LEU A 78 2.26 -17.14 0.01
N PRO A 79 2.60 -18.42 0.23
CA PRO A 79 2.27 -19.02 1.54
C PRO A 79 2.99 -18.40 2.74
N GLU A 80 4.03 -17.62 2.50
CA GLU A 80 4.83 -17.03 3.57
C GLU A 80 4.35 -15.69 4.12
N THR A 81 3.26 -15.14 3.57
CA THR A 81 2.82 -13.83 4.02
C THR A 81 1.33 -13.64 3.88
N ARG A 82 0.78 -12.81 4.76
CA ARG A 82 -0.62 -12.42 4.65
C ARG A 82 -0.80 -11.14 3.85
N PHE A 83 0.31 -10.50 3.42
CA PHE A 83 0.27 -9.19 2.79
C PHE A 83 0.85 -9.26 1.40
N VAL A 84 0.11 -8.69 0.44
CA VAL A 84 0.52 -8.61 -0.97
C VAL A 84 0.62 -7.14 -1.36
N GLY A 85 1.77 -6.72 -1.88
CA GLY A 85 1.96 -5.35 -2.36
C GLY A 85 3.45 -5.09 -2.54
N GLU A 86 3.83 -4.13 -3.39
CA GLU A 86 2.91 -3.29 -4.15
C GLU A 86 2.50 -3.99 -5.44
N VAL A 87 1.18 -3.97 -5.71
CA VAL A 87 0.61 -4.59 -6.92
C VAL A 87 -0.38 -3.62 -7.52
N GLY A 88 -0.74 -3.79 -8.79
CA GLY A 88 -1.84 -2.96 -9.36
C GLY A 88 -1.62 -2.58 -10.80
N LEU A 89 -2.13 -1.42 -11.18
CA LEU A 89 -2.13 -0.98 -12.56
C LEU A 89 -1.76 0.50 -12.56
N ASP A 90 -1.11 0.94 -13.63
CA ASP A 90 -0.74 2.35 -13.78
C ASP A 90 -1.08 2.78 -15.21
N GLY A 91 -1.92 3.79 -15.33
CA GLY A 91 -2.37 4.29 -16.61
C GLY A 91 -1.56 5.39 -17.24
N SER A 92 -0.32 5.59 -16.80
CA SER A 92 0.52 6.67 -17.30
C SER A 92 0.89 6.41 -18.75
N PRO A 93 0.86 7.44 -19.59
CA PRO A 93 1.20 7.23 -20.98
C PRO A 93 2.56 6.54 -21.22
N SER A 94 3.55 6.84 -20.39
CA SER A 94 4.88 6.27 -20.61
C SER A 94 4.91 4.76 -20.39
N LEU A 95 3.94 4.20 -19.66
CA LEU A 95 3.84 2.75 -19.42
C LEU A 95 2.80 2.06 -20.28
N ARG A 96 2.19 2.79 -21.20
CA ARG A 96 1.00 2.31 -21.89
C ARG A 96 1.28 1.10 -22.80
N GLY A 97 2.49 1.03 -23.33
CA GLY A 97 2.91 -0.11 -24.13
C GLY A 97 3.01 -1.40 -23.33
N THR A 98 3.09 -1.27 -22.00
CA THR A 98 3.11 -2.44 -21.13
C THR A 98 1.74 -2.83 -20.56
N TRP A 99 0.68 -2.17 -21.02
CA TRP A 99 -0.64 -2.34 -20.42
C TRP A 99 -1.11 -3.80 -20.41
N THR A 100 -1.05 -4.50 -21.55
CA THR A 100 -1.45 -5.92 -21.59
C THR A 100 -0.72 -6.76 -20.54
N GLN A 101 0.58 -6.52 -20.41
CA GLN A 101 1.38 -7.25 -19.42
C GLN A 101 1.01 -6.85 -17.99
N GLN A 102 0.77 -5.55 -17.75
CA GLN A 102 0.31 -5.13 -16.42
C GLN A 102 -0.98 -5.84 -16.05
N PHE A 103 -1.92 -5.87 -16.97
CA PHE A 103 -3.22 -6.48 -16.70
C PHE A 103 -3.07 -7.98 -16.44
N ALA A 104 -2.31 -8.66 -17.28
CA ALA A 104 -2.05 -10.06 -17.12
C ALA A 104 -1.47 -10.41 -15.75
N VAL A 105 -0.45 -9.66 -15.33
CA VAL A 105 0.17 -9.89 -14.06
C VAL A 105 -0.78 -9.64 -12.88
N PHE A 106 -1.47 -8.51 -12.90
CA PHE A 106 -2.38 -8.19 -11.82
C PHE A 106 -3.51 -9.22 -11.70
N GLN A 107 -4.04 -9.62 -12.85
CA GLN A 107 -5.12 -10.63 -12.83
C GLN A 107 -4.58 -11.94 -12.25
N HIS A 108 -3.37 -12.32 -12.67
CA HIS A 108 -2.70 -13.52 -12.14
C HIS A 108 -2.57 -13.42 -10.62
N ILE A 109 -2.12 -12.25 -10.14
CA ILE A 109 -1.89 -12.04 -8.74
C ILE A 109 -3.20 -12.19 -7.97
N LEU A 110 -4.27 -11.57 -8.45
CA LEU A 110 -5.55 -11.65 -7.76
C LEU A 110 -6.07 -13.08 -7.72
N ARG A 111 -5.92 -13.80 -8.81
CA ARG A 111 -6.34 -15.19 -8.84
C ARG A 111 -5.54 -16.08 -7.86
N ARG A 112 -4.22 -15.88 -7.79
CA ARG A 112 -3.39 -16.65 -6.86
C ARG A 112 -3.74 -16.30 -5.43
N CYS A 113 -4.03 -15.02 -5.17
CA CYS A 113 -4.47 -14.62 -3.83
C CYS A 113 -5.76 -15.38 -3.47
N GLU A 114 -6.70 -15.43 -4.40
CA GLU A 114 -7.95 -16.19 -4.15
C GLU A 114 -7.64 -17.66 -3.85
N ASP A 115 -6.74 -18.24 -4.64
CA ASP A 115 -6.42 -19.67 -4.52
C ASP A 115 -5.78 -19.99 -3.17
N HIS A 116 -5.10 -19.02 -2.55
CA HIS A 116 -4.43 -19.20 -1.28
C HIS A 116 -5.26 -18.67 -0.11
N GLY A 117 -6.54 -18.39 -0.35
CA GLY A 117 -7.49 -18.04 0.69
C GLY A 117 -7.64 -16.56 1.00
N GLY A 118 -7.14 -15.73 0.10
CA GLY A 118 -7.28 -14.28 0.22
C GLY A 118 -6.10 -13.65 0.95
N ARG A 119 -5.79 -12.42 0.57
CA ARG A 119 -4.69 -11.64 1.19
C ARG A 119 -5.12 -10.19 1.40
N ILE A 120 -4.38 -9.49 2.24
CA ILE A 120 -4.49 -8.05 2.40
C ILE A 120 -3.61 -7.45 1.32
N LEU A 121 -4.19 -6.63 0.45
CA LEU A 121 -3.52 -6.13 -0.76
C LEU A 121 -3.27 -4.63 -0.61
N SER A 122 -2.05 -4.18 -0.92
CA SER A 122 -1.72 -2.76 -0.99
C SER A 122 -1.52 -2.43 -2.47
N ILE A 123 -2.46 -1.67 -3.03
CA ILE A 123 -2.66 -1.58 -4.46
C ILE A 123 -2.39 -0.18 -5.03
N HIS A 124 -1.60 -0.17 -6.11
CA HIS A 124 -1.32 0.98 -6.98
C HIS A 124 -2.43 1.13 -7.99
N SER A 125 -2.95 2.36 -8.16
CA SER A 125 -4.02 2.58 -9.11
C SER A 125 -3.88 3.86 -9.91
N ARG A 126 -2.72 4.51 -9.85
CA ARG A 126 -2.54 5.80 -10.51
C ARG A 126 -2.97 5.79 -11.98
N ARG A 127 -3.92 6.67 -12.29
CA ARG A 127 -4.44 6.82 -13.65
C ARG A 127 -5.12 5.58 -14.24
N ALA A 128 -5.51 4.64 -13.37
CA ALA A 128 -6.11 3.38 -13.74
C ALA A 128 -7.12 2.92 -12.69
N GLU A 129 -7.75 3.89 -12.02
CA GLU A 129 -8.60 3.59 -10.90
C GLU A 129 -9.80 2.73 -11.32
N SER A 130 -10.48 3.15 -12.40
CA SER A 130 -11.63 2.38 -12.86
C SER A 130 -11.26 0.96 -13.28
N GLU A 131 -10.06 0.80 -13.88
CA GLU A 131 -9.63 -0.52 -14.32
C GLU A 131 -9.26 -1.40 -13.13
N VAL A 132 -8.61 -0.80 -12.14
CA VAL A 132 -8.32 -1.54 -10.89
C VAL A 132 -9.62 -2.01 -10.23
N LEU A 133 -10.61 -1.11 -10.17
CA LEU A 133 -11.89 -1.48 -9.57
C LEU A 133 -12.60 -2.58 -10.35
N ASN A 134 -12.52 -2.54 -11.67
CA ASN A 134 -13.10 -3.62 -12.50
C ASN A 134 -12.46 -4.95 -12.14
N CYS A 135 -11.14 -4.93 -11.96
CA CYS A 135 -10.41 -6.16 -11.60
C CYS A 135 -10.81 -6.67 -10.24
N LEU A 136 -10.95 -5.77 -9.26
CA LEU A 136 -11.32 -6.17 -7.92
C LEU A 136 -12.75 -6.68 -7.89
N GLU A 137 -13.63 -6.03 -8.64
CA GLU A 137 -15.03 -6.48 -8.71
C GLU A 137 -15.12 -7.89 -9.31
N ALA A 138 -14.23 -8.19 -10.26
CA ALA A 138 -14.20 -9.49 -10.92
C ALA A 138 -13.55 -10.58 -10.07
N ASN A 139 -12.82 -10.17 -9.03
CA ASN A 139 -12.06 -11.07 -8.18
C ASN A 139 -12.29 -10.74 -6.70
N PRO A 140 -13.57 -10.80 -6.22
CA PRO A 140 -13.87 -10.40 -4.85
C PRO A 140 -13.29 -11.30 -3.77
N ARG A 141 -12.89 -12.53 -4.11
CA ARG A 141 -12.32 -13.44 -3.12
C ARG A 141 -10.79 -13.34 -3.02
N SER A 142 -10.20 -12.36 -3.71
CA SER A 142 -8.74 -12.14 -3.64
C SER A 142 -8.31 -11.58 -2.28
N GLY A 143 -9.24 -11.01 -1.54
CA GLY A 143 -8.99 -10.56 -0.19
C GLY A 143 -9.46 -9.14 0.03
N THR A 144 -8.76 -8.41 0.90
CA THR A 144 -9.14 -7.06 1.31
C THR A 144 -8.26 -6.05 0.59
N PRO A 145 -8.83 -5.24 -0.31
CA PRO A 145 -8.01 -4.32 -1.10
C PRO A 145 -7.83 -2.99 -0.43
N ILE A 146 -6.58 -2.57 -0.26
CA ILE A 146 -6.28 -1.24 0.19
C ILE A 146 -5.78 -0.43 -0.99
N LEU A 147 -6.45 0.67 -1.28
CA LEU A 147 -5.99 1.53 -2.33
C LEU A 147 -5.00 2.50 -1.73
N HIS A 148 -3.74 2.33 -2.12
CA HIS A 148 -2.65 3.16 -1.61
C HIS A 148 -2.54 4.45 -2.44
N TRP A 149 -2.44 5.58 -1.74
CA TRP A 149 -2.31 6.91 -2.35
C TRP A 149 -3.33 7.10 -3.48
N TYR A 150 -4.60 6.91 -3.16
CA TYR A 150 -5.66 7.07 -4.13
C TYR A 150 -5.71 8.52 -4.65
N SER A 151 -5.73 8.69 -5.97
CA SER A 151 -5.70 10.02 -6.59
C SER A 151 -6.68 10.13 -7.76
N GLY A 152 -7.69 9.26 -7.77
CA GLY A 152 -8.72 9.27 -8.79
C GLY A 152 -9.85 10.22 -8.42
N SER A 153 -10.96 10.08 -9.12
CA SER A 153 -12.10 10.98 -8.95
C SER A 153 -12.90 10.60 -7.71
N VAL A 154 -13.75 11.51 -7.26
CA VAL A 154 -14.67 11.19 -6.16
C VAL A 154 -15.72 10.17 -6.57
N THR A 155 -16.17 10.25 -7.83
CA THR A 155 -17.04 9.24 -8.39
C THR A 155 -16.44 7.84 -8.24
N GLU A 156 -15.19 7.69 -8.65
CA GLU A 156 -14.53 6.40 -8.52
C GLU A 156 -14.29 5.98 -7.07
N LEU A 157 -14.05 6.95 -6.20
CA LEU A 157 -13.85 6.69 -4.77
C LEU A 157 -15.13 6.11 -4.17
N ARG A 158 -16.28 6.71 -4.51
CA ARG A 158 -17.56 6.21 -4.03
C ARG A 158 -17.73 4.76 -4.45
N ARG A 159 -17.35 4.43 -5.68
CA ARG A 159 -17.43 3.05 -6.15
C ARG A 159 -16.47 2.13 -5.38
N ALA A 160 -15.24 2.59 -5.16
CA ALA A 160 -14.28 1.80 -4.39
C ALA A 160 -14.82 1.47 -2.99
N ILE A 161 -15.39 2.49 -2.35
CA ILE A 161 -15.97 2.28 -1.01
C ILE A 161 -17.03 1.18 -1.09
N SER A 162 -17.91 1.28 -2.08
CA SER A 162 -18.97 0.29 -2.31
C SER A 162 -18.47 -1.15 -2.55
N LEU A 163 -17.28 -1.28 -3.14
CA LEU A 163 -16.63 -2.55 -3.38
C LEU A 163 -15.84 -3.08 -2.16
N GLY A 164 -15.87 -2.36 -1.05
CA GLY A 164 -15.20 -2.80 0.17
C GLY A 164 -13.72 -2.44 0.26
N CYS A 165 -13.30 -1.43 -0.51
CA CYS A 165 -11.90 -1.00 -0.44
C CYS A 165 -11.63 -0.24 0.83
N TRP A 166 -10.39 -0.40 1.31
CA TRP A 166 -9.79 0.47 2.32
C TRP A 166 -8.83 1.43 1.64
N PHE A 167 -8.26 2.37 2.40
CA PHE A 167 -7.41 3.42 1.85
C PHE A 167 -6.26 3.70 2.75
N SER A 168 -5.05 3.79 2.20
CA SER A 168 -3.93 4.29 2.95
C SER A 168 -3.53 5.63 2.36
N VAL A 169 -3.47 6.63 3.24
CA VAL A 169 -3.34 8.01 2.81
C VAL A 169 -2.03 8.55 3.33
N GLY A 170 -1.39 9.39 2.53
CA GLY A 170 -0.07 9.90 2.80
C GLY A 170 0.01 11.40 2.94
N PRO A 171 1.24 11.92 3.06
CA PRO A 171 1.45 13.35 3.28
C PRO A 171 0.86 14.28 2.23
N THR A 172 0.90 13.89 0.96
CA THR A 172 0.43 14.79 -0.10
C THR A 172 -1.09 14.90 -0.05
N MET A 173 -1.77 13.80 0.25
CA MET A 173 -3.23 13.78 0.31
C MET A 173 -3.81 14.67 1.41
N VAL A 174 -3.19 14.72 2.58
CA VAL A 174 -3.72 15.53 3.68
C VAL A 174 -3.42 17.02 3.54
N ARG A 175 -2.52 17.38 2.63
CA ARG A 175 -2.05 18.76 2.43
C ARG A 175 -2.60 19.43 1.15
N THR A 176 -3.47 18.75 0.41
CA THR A 176 -4.05 19.30 -0.83
C THR A 176 -5.58 19.36 -0.75
N GLN A 177 -6.17 20.28 -1.51
CA GLN A 177 -7.63 20.44 -1.57
C GLN A 177 -8.30 19.17 -2.05
N LYS A 178 -7.88 18.65 -3.21
CA LYS A 178 -8.48 17.44 -3.78
C LYS A 178 -8.30 16.22 -2.86
N GLY A 179 -7.13 16.12 -2.24
CA GLY A 179 -6.84 15.02 -1.31
C GLY A 179 -7.70 15.07 -0.05
N ALA A 180 -7.83 16.27 0.52
CA ALA A 180 -8.68 16.45 1.70
C ALA A 180 -10.13 16.15 1.38
N ALA A 181 -10.56 16.51 0.17
CA ALA A 181 -11.91 16.20 -0.28
C ALA A 181 -12.13 14.71 -0.44
N LEU A 182 -11.14 14.00 -0.97
CA LEU A 182 -11.23 12.55 -1.08
C LEU A 182 -11.32 11.92 0.33
N ILE A 183 -10.45 12.36 1.23
CA ILE A 183 -10.45 11.84 2.62
C ILE A 183 -11.81 12.04 3.31
N ARG A 184 -12.44 13.21 3.09
CA ARG A 184 -13.77 13.45 3.70
C ARG A 184 -14.86 12.46 3.26
N SER A 185 -14.74 11.88 2.07
CA SER A 185 -15.68 10.86 1.60
C SER A 185 -15.41 9.43 2.09
N MET A 186 -14.25 9.21 2.70
CA MET A 186 -13.84 7.89 3.14
C MET A 186 -14.42 7.58 4.52
N PRO A 187 -14.98 6.37 4.72
CA PRO A 187 -15.35 5.99 6.07
C PRO A 187 -14.10 5.96 6.96
N ARG A 188 -14.19 6.55 8.14
CA ARG A 188 -13.01 6.66 9.00
C ARG A 188 -12.51 5.32 9.46
N ASP A 189 -13.38 4.32 9.51
CA ASP A 189 -13.00 2.97 9.93
C ASP A 189 -12.29 2.15 8.83
N ARG A 190 -12.01 2.79 7.69
CA ARG A 190 -11.24 2.15 6.61
C ARG A 190 -10.04 2.98 6.16
N VAL A 191 -9.61 3.91 7.00
CA VAL A 191 -8.49 4.79 6.72
C VAL A 191 -7.23 4.35 7.48
N LEU A 192 -6.15 4.16 6.72
CA LEU A 192 -4.82 3.85 7.25
C LEU A 192 -3.90 4.97 6.80
N THR A 193 -2.75 5.08 7.46
CA THR A 193 -1.76 6.09 7.14
C THR A 193 -0.55 5.43 6.46
N GLU A 194 0.12 6.15 5.56
CA GLU A 194 1.33 5.65 4.86
C GLU A 194 2.26 6.81 4.56
N THR A 195 3.50 6.52 4.14
CA THR A 195 4.37 7.52 3.50
C THR A 195 4.69 7.24 2.03
N ASP A 196 4.80 5.98 1.64
CA ASP A 196 5.36 5.62 0.35
C ASP A 196 6.81 6.13 0.18
N GLY A 197 7.55 6.24 1.27
CA GLY A 197 8.98 6.53 1.16
C GLY A 197 9.66 5.38 0.45
N PRO A 198 10.77 5.64 -0.24
CA PRO A 198 11.39 6.96 -0.50
C PRO A 198 10.86 7.63 -1.78
N PHE A 199 9.83 7.07 -2.40
CA PHE A 199 9.23 7.63 -3.62
C PHE A 199 8.65 9.01 -3.39
N LEU A 200 7.86 9.13 -2.33
CA LEU A 200 7.31 10.40 -1.93
C LEU A 200 8.45 11.28 -1.42
N GLU A 201 8.52 12.49 -1.95
CA GLU A 201 9.41 13.49 -1.41
C GLU A 201 8.64 14.53 -0.62
N LEU A 202 9.18 14.88 0.55
CA LEU A 202 8.68 16.00 1.35
C LEU A 202 9.79 17.02 1.39
N ASP A 203 9.47 18.24 0.99
CA ASP A 203 10.45 19.33 0.93
C ASP A 203 11.74 18.93 0.19
N GLY A 204 11.58 18.22 -0.92
CA GLY A 204 12.70 17.84 -1.81
C GLY A 204 13.57 16.69 -1.32
N GLN A 205 13.14 16.02 -0.26
CA GLN A 205 13.92 14.94 0.34
C GLN A 205 13.04 13.71 0.46
N ALA A 206 13.61 12.53 0.29
CA ALA A 206 12.82 11.29 0.39
C ALA A 206 12.17 11.16 1.76
N ALA A 207 10.89 10.83 1.78
CA ALA A 207 10.18 10.54 3.03
C ALA A 207 10.74 9.33 3.77
N LEU A 208 10.72 9.44 5.10
CA LEU A 208 11.00 8.33 6.00
C LEU A 208 9.71 7.91 6.70
N PRO A 209 9.65 6.66 7.19
CA PRO A 209 8.40 6.18 7.79
C PRO A 209 7.84 7.06 8.90
N TRP A 210 8.69 7.66 9.70
CA TRP A 210 8.22 8.44 10.82
C TRP A 210 7.67 9.81 10.39
N ASP A 211 7.77 10.15 9.10
CA ASP A 211 7.09 11.33 8.56
C ASP A 211 5.57 11.11 8.54
N VAL A 212 5.16 9.88 8.84
CA VAL A 212 3.73 9.56 8.97
C VAL A 212 3.08 10.35 10.12
N LYS A 213 3.88 10.80 11.10
CA LYS A 213 3.38 11.74 12.12
C LYS A 213 2.66 12.93 11.47
N SER A 214 3.18 13.43 10.34
CA SER A 214 2.53 14.54 9.64
C SER A 214 1.20 14.17 8.99
N VAL A 215 1.04 12.91 8.59
CA VAL A 215 -0.24 12.47 8.08
C VAL A 215 -1.26 12.43 9.21
N VAL A 216 -0.85 11.97 10.38
CA VAL A 216 -1.75 11.90 11.54
C VAL A 216 -2.20 13.31 11.93
N GLU A 217 -1.24 14.22 11.94
CA GLU A 217 -1.53 15.63 12.19
C GLU A 217 -2.48 16.18 11.13
N GLY A 218 -2.23 15.85 9.86
CA GLY A 218 -3.12 16.24 8.76
C GLY A 218 -4.55 15.73 8.93
N LEU A 219 -4.70 14.46 9.31
CA LEU A 219 -6.00 13.87 9.55
C LEU A 219 -6.69 14.49 10.77
N SER A 220 -5.92 14.85 11.79
CA SER A 220 -6.45 15.54 12.98
C SER A 220 -7.20 16.80 12.54
N LYS A 221 -6.62 17.53 11.60
CA LYS A 221 -7.19 18.78 11.10
C LYS A 221 -8.43 18.53 10.24
N ILE A 222 -8.34 17.57 9.33
CA ILE A 222 -9.44 17.24 8.44
C ILE A 222 -10.63 16.65 9.20
N TRP A 223 -10.36 15.73 10.12
CA TRP A 223 -11.42 15.10 10.90
C TRP A 223 -11.88 15.96 12.07
N GLN A 224 -11.07 16.95 12.41
CA GLN A 224 -11.28 17.81 13.59
C GLN A 224 -11.38 17.02 14.89
N ILE A 225 -10.42 16.10 15.08
CA ILE A 225 -10.23 15.41 16.36
C ILE A 225 -8.74 15.47 16.74
N PRO A 226 -8.40 15.22 18.01
CA PRO A 226 -7.00 15.28 18.40
C PRO A 226 -6.14 14.20 17.75
N ALA A 227 -4.86 14.49 17.54
CA ALA A 227 -3.94 13.52 16.94
C ALA A 227 -3.94 12.16 17.66
N SER A 228 -4.02 12.14 18.99
CA SER A 228 -4.06 10.87 19.72
C SER A 228 -5.27 10.01 19.34
N GLU A 229 -6.40 10.64 19.05
CA GLU A 229 -7.61 9.88 18.70
C GLU A 229 -7.45 9.36 17.26
N VAL A 230 -6.84 10.16 16.40
CA VAL A 230 -6.48 9.66 15.05
C VAL A 230 -5.56 8.44 15.15
N GLU A 231 -4.52 8.51 15.98
CA GLU A 231 -3.62 7.36 16.20
C GLU A 231 -4.39 6.13 16.67
N ARG A 232 -5.33 6.32 17.60
CA ARG A 232 -6.11 5.21 18.11
C ARG A 232 -6.97 4.60 17.01
N ILE A 233 -7.67 5.44 16.26
CA ILE A 233 -8.54 5.00 15.17
C ILE A 233 -7.77 4.18 14.12
N VAL A 234 -6.62 4.70 13.69
CA VAL A 234 -5.76 3.96 12.76
C VAL A 234 -5.29 2.61 13.33
N LYS A 235 -4.90 2.56 14.60
CA LYS A 235 -4.57 1.26 15.23
C LYS A 235 -5.76 0.31 15.28
N GLU A 236 -6.92 0.84 15.66
CA GLU A 236 -8.14 0.04 15.67
C GLU A 236 -8.42 -0.49 14.27
N ASN A 237 -8.19 0.36 13.26
CA ASN A 237 -8.44 -0.03 11.89
C ASN A 237 -7.49 -1.14 11.44
N VAL A 238 -6.21 -1.06 11.83
CA VAL A 238 -5.27 -2.14 11.51
C VAL A 238 -5.71 -3.44 12.17
N SER A 239 -6.14 -3.39 13.46
CA SER A 239 -6.65 -4.59 14.11
CA SER A 239 -6.63 -4.57 14.11
C SER A 239 -7.81 -5.20 13.35
N ARG A 240 -8.76 -4.37 12.92
CA ARG A 240 -9.94 -4.85 12.21
C ARG A 240 -9.56 -5.43 10.84
N LEU A 241 -8.63 -4.75 10.17
CA LEU A 241 -8.09 -5.21 8.90
C LEU A 241 -7.51 -6.61 9.01
N LEU A 242 -6.67 -6.82 10.01
CA LEU A 242 -6.10 -8.14 10.27
C LEU A 242 -7.16 -9.22 10.58
N GLY A 243 -8.28 -8.80 11.16
CA GLY A 243 -9.41 -9.68 11.38
C GLY A 243 -10.07 -10.15 10.10
N THR A 244 -10.01 -9.34 9.04
CA THR A 244 -10.65 -9.68 7.78
C THR A 244 -9.89 -10.85 7.13
MN MN B . 4.79 2.34 -3.28
S SO4 C . 14.05 -19.88 -2.09
O1 SO4 C . 12.90 -20.26 -1.28
O2 SO4 C . 14.94 -19.02 -1.32
O3 SO4 C . 14.80 -21.09 -2.48
O4 SO4 C . 13.54 -19.22 -3.29
S SO4 D . -15.00 14.00 -9.60
O1 SO4 D . -15.61 15.33 -9.58
O2 SO4 D . -13.78 14.06 -8.79
O3 SO4 D . -15.93 12.99 -9.10
O4 SO4 D . -14.59 13.67 -10.96
C1 MPD E . 14.44 -21.70 -8.94
C2 MPD E . 13.27 -22.60 -8.57
O2 MPD E . 13.08 -23.53 -9.68
CM MPD E . 13.63 -23.38 -7.31
C3 MPD E . 11.99 -21.83 -8.26
C4 MPD E . 11.28 -21.18 -9.45
O4 MPD E . 10.63 -22.11 -10.29
C5 MPD E . 10.25 -20.19 -8.96
C1 MRD F . 12.51 3.19 -9.48
C2 MRD F . 12.64 1.67 -9.52
O2 MRD F . 12.81 1.28 -10.91
CM MRD F . 13.87 1.27 -8.72
C3 MRD F . 11.41 0.96 -8.94
C4 MRD F . 10.14 1.18 -9.75
O4 MRD F . 9.89 2.56 -9.91
C5 MRD F . 8.94 0.55 -9.06
#